data_7SE1
#
_entry.id   7SE1
#
_cell.length_a   107.084
_cell.length_b   107.084
_cell.length_c   86.813
_cell.angle_alpha   90.000
_cell.angle_beta   90.000
_cell.angle_gamma   120.000
#
_symmetry.space_group_name_H-M   'H 3'
#
loop_
_entity.id
_entity.type
_entity.pdbx_description
1 polymer "DNA (5'-D(*GP*AP*GP*CP*AP*GP*CP*CP*TP*GP*TP*(5IU)P*TP*GP*GP*AP*CP*AP*TP*CP*A)-3')"
2 polymer "DNA (5'-D(P*CP*CP*AP*(5CM)P*AP*CP*A)-3')"
3 polymer "DNA (5'-D(P*GP*GP*CP*TP*GP*CP*T)-3')"
4 polymer "DNA (5'-D(P*CP*TP*GP*AP*TP*GP*T)-3')"
5 non-polymer 'MERCURY (II) ION'
#
loop_
_entity_poly.entity_id
_entity_poly.type
_entity_poly.pdbx_seq_one_letter_code
_entity_poly.pdbx_strand_id
1 'polydeoxyribonucleotide'
;(DG)(DA)(DG)(DC)(DA)(DG)(DC)(DC)(DT)(DG)(DT)(5IU)(DT)(DG)(DG)(DA)(DC)(DA)(DT)
(DC)(DA)
;
A
2 'polydeoxyribonucleotide' (DC)(DC)(DA)(5CM)(DA)(DC)(DA) B
3 'polydeoxyribonucleotide' (DG)(DG)(DC)(DT)(DG)(DC)(DT) C
4 'polydeoxyribonucleotide' (DC)(DT)(DG)(DA)(DT)(DG)(DT) D
#
loop_
_chem_comp.id
_chem_comp.type
_chem_comp.name
_chem_comp.formula
5CM DNA linking 5-METHYL-2'-DEOXY-CYTIDINE-5'-MONOPHOSPHATE 'C10 H16 N3 O7 P'
5IU DNA linking 5-IODO-2'-DEOXYURIDINE-5'-MONOPHOSPHATE 'C9 H12 I N2 O8 P'
DA DNA linking 2'-DEOXYADENOSINE-5'-MONOPHOSPHATE 'C10 H14 N5 O6 P'
DC DNA linking 2'-DEOXYCYTIDINE-5'-MONOPHOSPHATE 'C9 H14 N3 O7 P'
DG DNA linking 2'-DEOXYGUANOSINE-5'-MONOPHOSPHATE 'C10 H14 N5 O7 P'
DT DNA linking THYMIDINE-5'-MONOPHOSPHATE 'C10 H15 N2 O8 P'
HG non-polymer 'MERCURY (II) ION' 'Hg 2'
#
# COMPACT_ATOMS: atom_id res chain seq x y z
N1 5IU A 12 -3.07 -3.38 2.47
C2 5IU A 12 -2.24 -2.36 2.64
N3 5IU A 12 -1.45 -1.91 1.69
C4 5IU A 12 -1.44 -2.48 0.49
C5 5IU A 12 -2.29 -3.54 0.26
C6 5IU A 12 -3.11 -3.98 1.29
O2 5IU A 12 -2.21 -1.83 3.70
O4 5IU A 12 -0.60 -1.99 -0.52
I5 5IU A 12 -2.34 -4.48 -1.63
C1' 5IU A 12 -3.92 -3.83 3.57
C2' 5IU A 12 -5.45 -3.56 3.31
C3' 5IU A 12 -6.13 -4.56 4.23
C4' 5IU A 12 -5.26 -5.58 4.40
O3' 5IU A 12 -6.58 -3.95 5.53
O4' 5IU A 12 -3.88 -5.12 3.71
C5' 5IU A 12 -5.84 -6.86 3.86
O5' 5IU A 12 -4.89 -7.86 3.50
P 5IU A 12 -4.03 -7.61 2.13
OP1 5IU A 12 -4.80 -6.64 1.27
OP2 5IU A 12 -2.66 -7.10 2.51
N1 5CM B 4 2.97 3.54 -1.18
C2 5CM B 4 2.09 3.00 -0.37
N3 5CM B 4 1.49 1.86 -0.66
C4 5CM B 4 1.75 1.20 -1.77
C5 5CM B 4 2.68 1.74 -2.65
C5A 5CM B 4 3.03 1.04 -3.95
C6 5CM B 4 3.30 2.94 -2.32
O2 5CM B 4 1.82 3.55 0.65
N4 5CM B 4 1.07 -0.07 -2.07
C1' 5CM B 4 3.56 4.70 -0.84
C2' 5CM B 4 5.11 4.67 -1.12
C3' 5CM B 4 5.43 5.85 -1.18
C4' 5CM B 4 4.05 6.70 -1.55
O4' 5CM B 4 3.11 5.85 -1.69
O3' 5CM B 4 5.96 6.33 0.14
C5' 5CM B 4 4.21 7.59 -2.78
O5' 5CM B 4 4.79 6.88 -3.83
P 5CM B 4 4.58 7.47 -5.35
OP1 5CM B 4 5.04 8.91 -5.47
OP2 5CM B 4 5.27 6.59 -6.37
HG HG E . 0.87 -1.71 -4.05
#